data_4NAL
#
_entry.id   4NAL
#
_cell.length_a   74.460
_cell.length_b   74.460
_cell.length_c   224.500
_cell.angle_alpha   90.00
_cell.angle_beta   90.00
_cell.angle_gamma   120.00
#
_symmetry.space_group_name_H-M   'H 3 2'
#
loop_
_entity.id
_entity.type
_entity.pdbx_description
1 polymer '2-C-methyl-D-erythritol 4-phosphate cytidylyltransferase, chloroplastic'
2 non-polymer 2,4-DICHLORO-6-(3,4,5-TRIBROMO-1H-PYRROL-2-YL)PHENOL
3 non-polymer 2,3-DIHYDROXY-1,4-DITHIOBUTANE
4 non-polymer 'CADMIUM ION'
5 non-polymer 'POTASSIUM ION'
6 water water
#
_entity_poly.entity_id   1
_entity_poly.type   'polypeptide(L)'
_entity_poly.pdbx_seq_one_letter_code
;MEKSVSVILLAGGQGKRMKMSMPKQYIPLLGQPIALYSFFTFSRMPEVKEIVVVCDPFFRDIFEEYEESIDVDLSFAIPG
KERQDSVYSGLQEIDVNSELVCIHDSARPLVNTEDVEKVLKDGSAVGAAVLGVPAKATIKEVNSDSLVVKTLDRKTLWEM
QTPQVIKPELLKKGFELVKSEGLEVTDDVSIVEYLKHPVYVSQGSYTNIKVTTPDDLLLAERILSEDS
;
_entity_poly.pdbx_strand_id   A
#
loop_
_chem_comp.id
_chem_comp.type
_chem_comp.name
_chem_comp.formula
CD non-polymer 'CADMIUM ION' 'Cd 2'
DTT non-polymer 2,3-DIHYDROXY-1,4-DITHIOBUTANE 'C4 H10 O2 S2'
H70 non-polymer 2,4-DICHLORO-6-(3,4,5-TRIBROMO-1H-PYRROL-2-YL)PHENOL 'C10 H4 Br3 Cl2 N O'
K non-polymer 'POTASSIUM ION' 'K 1'
#
# COMPACT_ATOMS: atom_id res chain seq x y z
N MET A 1 4.69 -17.03 -7.75
CA MET A 1 3.93 -18.23 -7.32
C MET A 1 2.46 -17.90 -7.07
N GLU A 2 1.59 -18.85 -7.38
CA GLU A 2 0.17 -18.74 -7.06
C GLU A 2 -0.04 -18.83 -5.56
N LYS A 3 -0.96 -18.00 -5.04
CA LYS A 3 -1.30 -17.96 -3.61
C LYS A 3 -0.07 -17.78 -2.70
N SER A 4 0.84 -16.90 -3.12
CA SER A 4 2.07 -16.65 -2.40
C SER A 4 2.05 -15.30 -1.69
N VAL A 5 1.14 -14.42 -2.11
CA VAL A 5 1.13 -13.03 -1.65
C VAL A 5 0.04 -12.78 -0.62
N SER A 6 0.43 -12.10 0.47
CA SER A 6 -0.52 -11.61 1.46
C SER A 6 -0.66 -10.10 1.33
N VAL A 7 -1.87 -9.64 1.09
CA VAL A 7 -2.15 -8.21 1.05
C VAL A 7 -2.49 -7.69 2.45
N ILE A 8 -1.85 -6.60 2.85
CA ILE A 8 -2.28 -5.83 4.02
C ILE A 8 -2.95 -4.58 3.48
N LEU A 9 -4.27 -4.52 3.60
CA LEU A 9 -5.02 -3.37 3.10
C LEU A 9 -5.29 -2.37 4.23
N LEU A 10 -4.70 -1.19 4.11
CA LEU A 10 -4.83 -0.17 5.13
C LEU A 10 -6.08 0.65 4.91
N ALA A 11 -7.05 0.46 5.82
CA ALA A 11 -8.35 1.11 5.72
C ALA A 11 -8.82 1.64 7.07
N GLY A 12 -7.87 1.80 7.99
CA GLY A 12 -8.16 2.28 9.34
C GLY A 12 -8.04 3.79 9.47
N GLY A 13 -7.89 4.26 10.70
CA GLY A 13 -7.79 5.69 10.98
C GLY A 13 -9.11 6.30 11.44
N PRO A 23 -15.13 8.62 6.83
CA PRO A 23 -13.74 8.48 6.42
C PRO A 23 -13.61 8.46 4.89
N LYS A 24 -12.53 9.05 4.38
CA LYS A 24 -12.33 9.24 2.94
C LYS A 24 -12.44 7.95 2.12
N GLN A 25 -11.91 6.86 2.67
CA GLN A 25 -11.85 5.58 1.95
C GLN A 25 -13.19 4.83 1.91
N TYR A 26 -14.23 5.42 2.51
CA TYR A 26 -15.55 4.80 2.50
C TYR A 26 -16.61 5.61 1.75
N ILE A 27 -16.25 6.84 1.38
CA ILE A 27 -17.05 7.65 0.46
C ILE A 27 -17.13 6.91 -0.88
N PRO A 28 -18.36 6.65 -1.38
CA PRO A 28 -18.49 5.83 -2.58
C PRO A 28 -17.96 6.51 -3.84
N LEU A 29 -17.48 5.68 -4.75
CA LEU A 29 -17.05 6.12 -6.06
C LEU A 29 -17.92 5.31 -7.02
N LEU A 30 -18.76 6.00 -7.78
CA LEU A 30 -19.80 5.36 -8.59
C LEU A 30 -20.57 4.30 -7.80
N GLY A 31 -20.91 4.64 -6.55
CA GLY A 31 -21.77 3.81 -5.71
C GLY A 31 -21.14 2.64 -4.97
N GLN A 32 -19.83 2.50 -5.11
CA GLN A 32 -19.07 1.49 -4.38
C GLN A 32 -18.07 2.22 -3.48
N PRO A 33 -18.08 1.90 -2.17
CA PRO A 33 -17.14 2.53 -1.23
C PRO A 33 -15.70 2.41 -1.72
N ILE A 34 -14.96 3.51 -1.66
CA ILE A 34 -13.60 3.58 -2.22
C ILE A 34 -12.74 2.36 -1.88
N ALA A 35 -12.78 1.91 -0.63
CA ALA A 35 -11.99 0.78 -0.15
C ALA A 35 -12.19 -0.54 -0.93
N LEU A 36 -13.40 -0.76 -1.45
CA LEU A 36 -13.72 -2.00 -2.14
C LEU A 36 -13.05 -2.17 -3.50
N TYR A 37 -12.70 -1.08 -4.17
CA TYR A 37 -12.06 -1.15 -5.49
C TYR A 37 -10.74 -1.93 -5.51
N SER A 38 -9.77 -1.54 -4.67
CA SER A 38 -8.51 -2.28 -4.62
C SER A 38 -8.71 -3.65 -3.97
N PHE A 39 -9.59 -3.72 -2.97
CA PHE A 39 -9.97 -4.99 -2.36
C PHE A 39 -10.32 -6.02 -3.44
N PHE A 40 -11.21 -5.65 -4.36
CA PHE A 40 -11.62 -6.56 -5.43
C PHE A 40 -10.49 -6.80 -6.43
N THR A 41 -9.71 -5.76 -6.74
CA THR A 41 -8.58 -5.89 -7.65
C THR A 41 -7.61 -6.96 -7.14
N PHE A 42 -7.26 -6.90 -5.86
CA PHE A 42 -6.38 -7.92 -5.28
C PHE A 42 -7.05 -9.30 -5.27
N SER A 43 -8.34 -9.33 -4.92
CA SER A 43 -9.05 -10.60 -4.76
C SER A 43 -9.07 -11.45 -6.03
N ARG A 44 -9.08 -10.80 -7.20
CA ARG A 44 -9.14 -11.52 -8.48
C ARG A 44 -7.77 -12.04 -8.97
N MET A 45 -6.69 -11.61 -8.33
CA MET A 45 -5.35 -12.02 -8.75
C MET A 45 -4.97 -13.37 -8.16
N PRO A 46 -4.63 -14.36 -9.00
CA PRO A 46 -4.28 -15.70 -8.53
C PRO A 46 -3.08 -15.75 -7.58
N GLU A 47 -2.17 -14.78 -7.72
CA GLU A 47 -1.01 -14.67 -6.82
C GLU A 47 -1.40 -14.38 -5.37
N VAL A 48 -2.55 -13.75 -5.19
CA VAL A 48 -2.99 -13.30 -3.85
C VAL A 48 -3.71 -14.42 -3.09
N LYS A 49 -3.17 -14.80 -1.93
CA LYS A 49 -3.75 -15.86 -1.11
C LYS A 49 -4.77 -15.31 -0.11
N GLU A 50 -4.43 -14.17 0.48
CA GLU A 50 -5.24 -13.57 1.55
C GLU A 50 -5.17 -12.05 1.51
N ILE A 51 -6.23 -11.41 2.02
CA ILE A 51 -6.22 -9.99 2.28
C ILE A 51 -6.48 -9.76 3.78
N VAL A 52 -5.49 -9.19 4.46
CA VAL A 52 -5.64 -8.79 5.84
C VAL A 52 -6.09 -7.33 5.83
N VAL A 53 -7.34 -7.09 6.20
CA VAL A 53 -7.89 -5.74 6.21
C VAL A 53 -7.63 -5.10 7.58
N VAL A 54 -7.02 -3.93 7.56
CA VAL A 54 -6.76 -3.18 8.78
C VAL A 54 -7.77 -2.05 8.82
N CYS A 55 -8.79 -2.20 9.67
CA CYS A 55 -9.85 -1.21 9.77
C CYS A 55 -10.50 -1.24 11.14
N ASP A 56 -11.19 -0.15 11.49
CA ASP A 56 -12.00 -0.13 12.70
C ASP A 56 -13.13 -1.14 12.55
N PRO A 57 -13.34 -2.00 13.59
CA PRO A 57 -14.38 -3.03 13.57
C PRO A 57 -15.74 -2.57 13.02
N PHE A 58 -16.05 -1.28 13.19
CA PHE A 58 -17.28 -0.67 12.68
C PHE A 58 -17.48 -0.89 11.18
N PHE A 59 -16.38 -0.89 10.42
CA PHE A 59 -16.43 -1.00 8.96
C PHE A 59 -16.16 -2.40 8.43
N ARG A 60 -16.03 -3.38 9.32
CA ARG A 60 -15.73 -4.77 8.93
C ARG A 60 -16.74 -5.40 7.98
N ASP A 61 -18.02 -5.11 8.20
CA ASP A 61 -19.11 -5.67 7.39
C ASP A 61 -19.01 -5.32 5.91
N ILE A 62 -18.41 -4.16 5.61
CA ILE A 62 -18.23 -3.70 4.23
C ILE A 62 -17.46 -4.72 3.37
N PHE A 63 -16.44 -5.34 3.98
CA PHE A 63 -15.62 -6.35 3.32
C PHE A 63 -16.17 -7.76 3.52
N GLU A 64 -16.62 -8.03 4.75
CA GLU A 64 -17.16 -9.34 5.14
C GLU A 64 -18.29 -9.86 4.25
N GLU A 65 -19.11 -8.94 3.74
CA GLU A 65 -20.25 -9.31 2.89
C GLU A 65 -19.84 -10.07 1.62
N TYR A 66 -18.64 -9.78 1.13
CA TYR A 66 -18.15 -10.35 -0.12
C TYR A 66 -17.25 -11.56 0.06
N GLU A 67 -17.08 -11.99 1.31
CA GLU A 67 -16.14 -13.06 1.66
C GLU A 67 -16.35 -14.37 0.91
N GLU A 68 -17.62 -14.76 0.71
CA GLU A 68 -17.95 -16.01 0.04
C GLU A 68 -17.81 -15.90 -1.49
N SER A 69 -17.78 -14.67 -2.00
CA SER A 69 -17.71 -14.41 -3.44
C SER A 69 -16.28 -14.24 -3.97
N ILE A 70 -15.36 -13.88 -3.08
CA ILE A 70 -13.96 -13.63 -3.46
C ILE A 70 -13.09 -14.88 -3.33
N ASP A 71 -12.09 -15.02 -4.20
CA ASP A 71 -11.21 -16.17 -4.18
C ASP A 71 -9.94 -15.97 -3.34
N VAL A 72 -10.07 -15.22 -2.25
CA VAL A 72 -8.99 -15.04 -1.27
C VAL A 72 -9.48 -15.31 0.15
N ASP A 73 -8.55 -15.59 1.05
CA ASP A 73 -8.86 -15.60 2.47
C ASP A 73 -9.00 -14.16 2.96
N LEU A 74 -10.04 -13.91 3.75
CA LEU A 74 -10.21 -12.60 4.35
C LEU A 74 -9.86 -12.67 5.83
N SER A 75 -8.98 -11.77 6.27
CA SER A 75 -8.63 -11.66 7.67
C SER A 75 -8.68 -10.20 8.08
N PHE A 76 -8.77 -9.96 9.39
CA PHE A 76 -8.84 -8.60 9.93
C PHE A 76 -7.76 -8.35 10.97
N ALA A 77 -7.40 -7.08 11.12
CA ALA A 77 -6.45 -6.64 12.14
C ALA A 77 -6.85 -5.25 12.64
N ILE A 78 -6.54 -4.99 13.91
CA ILE A 78 -6.85 -3.71 14.54
C ILE A 78 -5.82 -2.65 14.10
N PRO A 79 -6.29 -1.44 13.73
CA PRO A 79 -5.38 -0.35 13.39
C PRO A 79 -4.57 0.14 14.59
N GLY A 80 -3.36 0.60 14.32
CA GLY A 80 -2.49 1.15 15.35
C GLY A 80 -2.43 2.67 15.29
N LYS A 81 -1.60 3.25 16.17
CA LYS A 81 -1.44 4.70 16.30
C LYS A 81 -0.99 5.36 14.99
N GLU A 82 0.15 4.92 14.48
CA GLU A 82 0.66 5.42 13.19
C GLU A 82 0.56 4.35 12.11
N ARG A 83 0.83 4.74 10.87
CA ARG A 83 0.75 3.84 9.72
C ARG A 83 1.58 2.55 9.92
N GLN A 84 2.81 2.70 10.40
CA GLN A 84 3.69 1.55 10.63
C GLN A 84 3.19 0.58 11.70
N ASP A 85 2.45 1.09 12.68
CA ASP A 85 1.81 0.27 13.70
C ASP A 85 0.67 -0.57 13.12
N SER A 86 -0.06 0.03 12.17
CA SER A 86 -1.12 -0.67 11.45
C SER A 86 -0.53 -1.78 10.57
N VAL A 87 0.60 -1.51 9.93
CA VAL A 87 1.31 -2.52 9.14
C VAL A 87 1.76 -3.68 10.04
N TYR A 88 2.35 -3.37 11.18
CA TYR A 88 2.80 -4.39 12.12
C TYR A 88 1.64 -5.26 12.57
N SER A 89 0.51 -4.63 12.90
CA SER A 89 -0.71 -5.33 13.30
C SER A 89 -1.19 -6.30 12.21
N GLY A 90 -1.24 -5.80 10.98
CA GLY A 90 -1.59 -6.63 9.82
C GLY A 90 -0.61 -7.78 9.58
N LEU A 91 0.68 -7.49 9.76
CA LEU A 91 1.74 -8.51 9.61
C LEU A 91 1.58 -9.72 10.53
N GLN A 92 1.04 -9.50 11.73
CA GLN A 92 0.85 -10.58 12.69
C GLN A 92 -0.22 -11.58 12.23
N GLU A 93 -0.97 -11.21 11.19
CA GLU A 93 -2.09 -12.03 10.70
C GLU A 93 -1.80 -12.84 9.44
N ILE A 94 -0.68 -12.59 8.77
CA ILE A 94 -0.39 -13.26 7.48
C ILE A 94 -0.05 -14.75 7.60
N ASP A 95 -0.32 -15.51 6.54
CA ASP A 95 -0.01 -16.95 6.47
C ASP A 95 1.49 -17.15 6.73
N VAL A 96 1.80 -18.14 7.56
CA VAL A 96 3.19 -18.40 7.99
C VAL A 96 4.13 -18.73 6.81
N ASN A 97 3.54 -19.13 5.68
CA ASN A 97 4.29 -19.49 4.47
C ASN A 97 4.15 -18.47 3.33
N SER A 98 3.62 -17.30 3.63
CA SER A 98 3.51 -16.23 2.66
C SER A 98 4.91 -15.82 2.20
N GLU A 99 5.05 -15.58 0.90
CA GLU A 99 6.37 -15.23 0.33
C GLU A 99 6.53 -13.73 0.10
N LEU A 100 5.42 -13.00 0.10
CA LEU A 100 5.41 -11.59 -0.22
C LEU A 100 4.30 -10.90 0.57
N VAL A 101 4.62 -9.73 1.13
CA VAL A 101 3.62 -8.87 1.76
C VAL A 101 3.33 -7.70 0.83
N CYS A 102 2.05 -7.48 0.54
CA CYS A 102 1.65 -6.39 -0.36
C CYS A 102 0.84 -5.34 0.41
N ILE A 103 1.51 -4.25 0.79
CA ILE A 103 0.90 -3.21 1.63
C ILE A 103 0.22 -2.16 0.73
N HIS A 104 -1.07 -1.92 0.95
CA HIS A 104 -1.80 -0.99 0.08
C HIS A 104 -2.68 0.00 0.85
N ASP A 105 -2.55 1.28 0.49
CA ASP A 105 -3.41 2.33 1.00
C ASP A 105 -4.79 2.22 0.32
N SER A 106 -5.81 1.90 1.10
CA SER A 106 -7.17 1.75 0.57
C SER A 106 -7.73 3.03 -0.07
N ALA A 107 -7.14 4.18 0.26
CA ALA A 107 -7.50 5.45 -0.37
C ALA A 107 -6.95 5.55 -1.80
N ARG A 108 -6.38 4.45 -2.30
CA ARG A 108 -5.94 4.38 -3.68
C ARG A 108 -6.76 3.35 -4.48
N PRO A 109 -8.01 3.72 -4.88
CA PRO A 109 -8.97 2.81 -5.54
C PRO A 109 -8.63 2.31 -6.94
N LEU A 110 -7.90 3.12 -7.72
CA LEU A 110 -7.79 2.87 -9.16
C LEU A 110 -6.49 2.17 -9.59
N VAL A 111 -5.72 1.63 -8.65
CA VAL A 111 -4.52 0.85 -9.00
C VAL A 111 -4.90 -0.24 -10.03
N ASN A 112 -4.19 -0.28 -11.16
CA ASN A 112 -4.48 -1.25 -12.23
C ASN A 112 -3.89 -2.60 -11.90
N THR A 113 -4.57 -3.66 -12.32
CA THR A 113 -4.07 -5.01 -12.13
C THR A 113 -2.66 -5.19 -12.70
N GLU A 114 -2.43 -4.66 -13.90
CA GLU A 114 -1.13 -4.77 -14.57
C GLU A 114 0.00 -4.15 -13.74
N ASP A 115 -0.29 -3.04 -13.09
CA ASP A 115 0.71 -2.38 -12.24
C ASP A 115 0.93 -3.12 -10.92
N VAL A 116 -0.12 -3.73 -10.37
CA VAL A 116 0.05 -4.60 -9.20
C VAL A 116 0.94 -5.79 -9.59
N GLU A 117 0.65 -6.42 -10.73
CA GLU A 117 1.47 -7.53 -11.24
C GLU A 117 2.94 -7.13 -11.33
N LYS A 118 3.18 -5.94 -11.86
CA LYS A 118 4.55 -5.43 -12.05
C LYS A 118 5.29 -5.30 -10.72
N VAL A 119 4.66 -4.66 -9.74
CA VAL A 119 5.31 -4.42 -8.46
C VAL A 119 5.42 -5.71 -7.65
N LEU A 120 4.49 -6.63 -7.83
CA LEU A 120 4.64 -7.95 -7.18
C LEU A 120 5.87 -8.67 -7.73
N LYS A 121 6.01 -8.64 -9.06
CA LYS A 121 7.12 -9.31 -9.72
C LYS A 121 8.46 -8.69 -9.31
N ASP A 122 8.49 -7.35 -9.25
CA ASP A 122 9.71 -6.66 -8.82
C ASP A 122 10.04 -6.88 -7.35
N GLY A 123 9.00 -6.97 -6.52
CA GLY A 123 9.18 -7.28 -5.10
C GLY A 123 9.72 -8.67 -4.91
N SER A 124 9.22 -9.62 -5.69
CA SER A 124 9.70 -11.00 -5.64
C SER A 124 11.18 -11.08 -6.04
N ALA A 125 11.55 -10.28 -7.04
CA ALA A 125 12.90 -10.31 -7.59
C ALA A 125 13.90 -9.62 -6.68
N VAL A 126 13.53 -8.46 -6.20
CA VAL A 126 14.46 -7.57 -5.48
C VAL A 126 14.37 -7.74 -3.97
N GLY A 127 13.18 -8.07 -3.46
CA GLY A 127 12.96 -8.21 -2.02
C GLY A 127 12.04 -7.13 -1.50
N ALA A 128 12.06 -5.99 -2.17
CA ALA A 128 11.22 -4.84 -1.82
C ALA A 128 11.03 -4.00 -3.07
N ALA A 129 9.79 -3.62 -3.33
CA ALA A 129 9.47 -2.78 -4.49
C ALA A 129 8.24 -1.91 -4.20
N VAL A 130 8.17 -0.77 -4.88
CA VAL A 130 7.08 0.17 -4.65
C VAL A 130 6.71 0.79 -5.99
N LEU A 131 5.41 0.98 -6.21
CA LEU A 131 4.96 1.69 -7.40
C LEU A 131 5.30 3.17 -7.31
N GLY A 132 5.85 3.72 -8.38
CA GLY A 132 6.21 5.14 -8.44
C GLY A 132 5.99 5.72 -9.82
N VAL A 133 5.88 7.05 -9.88
CA VAL A 133 5.76 7.78 -11.15
C VAL A 133 6.74 8.95 -11.12
N PRO A 134 7.26 9.37 -12.30
CA PRO A 134 8.13 10.54 -12.26
C PRO A 134 7.38 11.76 -11.72
N ALA A 135 8.03 12.50 -10.82
CA ALA A 135 7.42 13.70 -10.26
C ALA A 135 7.28 14.72 -11.37
N LYS A 136 6.05 15.19 -11.60
CA LYS A 136 5.75 16.13 -12.68
C LYS A 136 6.16 17.56 -12.33
N ALA A 137 5.98 17.94 -11.06
CA ALA A 137 6.32 19.27 -10.59
C ALA A 137 7.84 19.51 -10.60
N THR A 138 8.22 20.78 -10.61
CA THR A 138 9.60 21.20 -10.42
C THR A 138 9.88 21.18 -8.93
N ILE A 139 10.66 20.18 -8.51
CA ILE A 139 10.95 19.95 -7.09
C ILE A 139 12.40 20.29 -6.82
N LYS A 140 12.65 21.00 -5.72
CA LYS A 140 14.01 21.34 -5.33
C LYS A 140 14.26 21.10 -3.86
N GLU A 141 15.51 20.77 -3.55
CA GLU A 141 15.96 20.68 -2.17
C GLU A 141 16.21 22.08 -1.61
N VAL A 142 15.69 22.32 -0.42
CA VAL A 142 15.81 23.62 0.24
C VAL A 142 16.45 23.41 1.61
N ASN A 143 17.46 24.21 1.94
CA ASN A 143 18.11 24.09 3.25
C ASN A 143 17.36 24.87 4.34
N SER A 144 17.89 24.85 5.55
CA SER A 144 17.21 25.46 6.71
C SER A 144 17.10 26.98 6.63
N ASP A 145 17.94 27.60 5.79
CA ASP A 145 17.86 29.05 5.56
C ASP A 145 16.95 29.44 4.39
N SER A 146 16.14 28.48 3.93
CA SER A 146 15.17 28.67 2.85
C SER A 146 15.82 28.93 1.47
N LEU A 147 17.08 28.51 1.32
CA LEU A 147 17.77 28.64 0.05
C LEU A 147 17.76 27.33 -0.72
N VAL A 148 17.61 27.43 -2.05
CA VAL A 148 17.72 26.27 -2.93
C VAL A 148 19.11 25.65 -2.81
N VAL A 149 19.16 24.33 -2.64
CA VAL A 149 20.42 23.59 -2.68
C VAL A 149 20.63 23.15 -4.13
N LYS A 150 21.64 23.72 -4.78
CA LYS A 150 21.85 23.49 -6.21
C LYS A 150 22.70 22.26 -6.51
N THR A 151 22.31 21.53 -7.55
CA THR A 151 23.06 20.35 -8.00
C THR A 151 23.19 20.31 -9.52
N THR A 156 17.17 11.71 -10.42
CA THR A 156 15.78 11.91 -10.84
C THR A 156 14.82 11.62 -9.68
N LEU A 157 13.74 12.41 -9.61
CA LEU A 157 12.80 12.30 -8.48
C LEU A 157 11.50 11.60 -8.86
N TRP A 158 11.05 10.73 -7.97
CA TRP A 158 9.84 9.95 -8.20
C TRP A 158 8.86 10.08 -7.04
N GLU A 159 7.57 10.17 -7.39
CA GLU A 159 6.49 10.17 -6.41
C GLU A 159 6.11 8.73 -6.09
N MET A 160 6.13 8.38 -4.80
CA MET A 160 5.80 7.01 -4.37
C MET A 160 4.29 6.80 -4.25
N GLN A 161 3.83 5.63 -4.67
CA GLN A 161 2.44 5.26 -4.47
C GLN A 161 2.39 3.98 -3.63
N THR A 162 1.26 3.28 -3.63
CA THR A 162 1.18 1.91 -3.12
C THR A 162 0.49 1.07 -4.22
N PRO A 163 0.67 -0.27 -4.22
CA PRO A 163 1.36 -1.13 -3.27
C PRO A 163 2.83 -0.84 -2.99
N GLN A 164 3.22 -1.18 -1.77
CA GLN A 164 4.60 -1.32 -1.38
C GLN A 164 4.76 -2.80 -1.00
N VAL A 165 5.65 -3.48 -1.72
CA VAL A 165 5.75 -4.93 -1.70
C VAL A 165 7.08 -5.33 -1.07
N ILE A 166 7.02 -6.21 -0.07
CA ILE A 166 8.20 -6.58 0.69
C ILE A 166 8.11 -8.04 1.15
N LYS A 167 9.23 -8.74 1.09
CA LYS A 167 9.30 -10.09 1.66
C LYS A 167 9.13 -10.02 3.17
N PRO A 168 8.33 -10.95 3.74
CA PRO A 168 7.97 -10.86 5.16
C PRO A 168 9.17 -10.88 6.10
N GLU A 169 10.19 -11.69 5.78
CA GLU A 169 11.38 -11.79 6.62
C GLU A 169 12.14 -10.46 6.66
N LEU A 170 12.14 -9.76 5.53
CA LEU A 170 12.73 -8.43 5.43
C LEU A 170 11.98 -7.42 6.30
N LEU A 171 10.65 -7.42 6.19
CA LEU A 171 9.81 -6.51 6.96
C LEU A 171 9.95 -6.75 8.47
N LYS A 172 9.95 -8.02 8.87
CA LYS A 172 10.13 -8.42 10.27
C LYS A 172 11.45 -7.88 10.84
N LYS A 173 12.54 -8.06 10.10
CA LYS A 173 13.86 -7.56 10.50
C LYS A 173 13.89 -6.03 10.60
N GLY A 174 13.16 -5.37 9.71
CA GLY A 174 12.99 -3.93 9.75
C GLY A 174 12.37 -3.45 11.05
N PHE A 175 11.28 -4.10 11.44
CA PHE A 175 10.61 -3.79 12.71
C PHE A 175 11.50 -4.07 13.92
N GLU A 176 12.26 -5.15 13.86
CA GLU A 176 13.22 -5.52 14.91
C GLU A 176 14.29 -4.44 15.10
N LEU A 177 14.88 -4.00 14.00
CA LEU A 177 15.93 -2.97 14.03
C LEU A 177 15.43 -1.65 14.61
N VAL A 178 14.20 -1.27 14.25
CA VAL A 178 13.59 -0.03 14.71
C VAL A 178 13.32 -0.02 16.22
N LYS A 179 12.80 -1.13 16.74
CA LYS A 179 12.45 -1.22 18.16
C LYS A 179 13.67 -1.39 19.09
N SER A 180 14.65 -2.16 18.64
CA SER A 180 15.84 -2.46 19.46
C SER A 180 16.82 -1.29 19.52
N GLU A 181 16.69 -0.35 18.58
CA GLU A 181 17.54 0.84 18.55
C GLU A 181 16.80 2.12 18.92
N GLY A 182 15.47 2.07 18.85
CA GLY A 182 14.64 3.24 19.13
C GLY A 182 14.68 4.26 18.01
N LEU A 183 14.69 3.77 16.77
CA LEU A 183 14.76 4.63 15.58
C LEU A 183 13.46 5.38 15.35
N GLU A 184 13.57 6.55 14.73
CA GLU A 184 12.40 7.38 14.42
C GLU A 184 11.86 7.06 13.02
N VAL A 185 10.57 6.80 12.94
CA VAL A 185 9.90 6.46 11.69
C VAL A 185 8.97 7.59 11.25
N THR A 186 9.23 8.13 10.07
CA THR A 186 8.31 9.07 9.43
C THR A 186 7.81 8.43 8.14
N ASP A 187 6.89 9.11 7.43
CA ASP A 187 6.39 8.60 6.16
C ASP A 187 7.49 8.54 5.11
N ASP A 188 8.36 9.55 5.10
CA ASP A 188 9.51 9.60 4.21
C ASP A 188 10.59 8.61 4.63
N VAL A 189 10.99 8.68 5.91
CA VAL A 189 11.99 7.77 6.45
C VAL A 189 11.28 6.58 7.11
N SER A 190 10.92 5.60 6.28
CA SER A 190 10.19 4.43 6.74
C SER A 190 11.14 3.30 7.17
N ILE A 191 10.56 2.15 7.48
CA ILE A 191 11.30 0.94 7.87
C ILE A 191 12.45 0.64 6.91
N VAL A 192 12.15 0.64 5.62
CA VAL A 192 13.13 0.27 4.58
C VAL A 192 14.32 1.21 4.43
N GLU A 193 14.14 2.47 4.81
CA GLU A 193 15.18 3.49 4.72
C GLU A 193 16.39 3.14 5.60
N TYR A 194 16.12 2.44 6.70
CA TYR A 194 17.17 2.05 7.65
C TYR A 194 17.87 0.75 7.24
N LEU A 195 17.26 0.00 6.34
CA LEU A 195 17.84 -1.27 5.87
C LEU A 195 18.76 -1.04 4.68
N LYS A 196 19.77 -1.90 4.55
CA LYS A 196 20.71 -1.82 3.43
C LYS A 196 20.21 -2.60 2.21
N HIS A 197 19.10 -3.31 2.38
CA HIS A 197 18.49 -4.06 1.29
C HIS A 197 17.86 -3.09 0.27
N PRO A 198 18.08 -3.33 -1.04
CA PRO A 198 17.57 -2.44 -2.09
C PRO A 198 16.05 -2.39 -2.21
N VAL A 199 15.54 -1.23 -2.57
CA VAL A 199 14.11 -1.02 -2.84
C VAL A 199 13.97 -0.58 -4.29
N TYR A 200 13.28 -1.39 -5.08
CA TYR A 200 13.05 -1.12 -6.49
C TYR A 200 11.82 -0.24 -6.69
N VAL A 201 11.92 0.72 -7.62
CA VAL A 201 10.75 1.53 -7.98
C VAL A 201 10.19 1.01 -9.30
N SER A 202 9.01 0.40 -9.22
CA SER A 202 8.29 -0.11 -10.37
C SER A 202 7.50 1.05 -10.98
N GLN A 203 7.66 1.29 -12.28
CA GLN A 203 6.98 2.44 -12.89
C GLN A 203 5.48 2.19 -13.03
N GLY A 204 4.70 3.01 -12.33
CA GLY A 204 3.25 2.90 -12.31
C GLY A 204 2.58 3.87 -13.26
N SER A 205 1.32 4.18 -12.97
CA SER A 205 0.53 5.09 -13.80
C SER A 205 0.08 6.27 -12.97
N TYR A 206 -0.02 7.44 -13.62
CA TYR A 206 -0.44 8.66 -12.95
C TYR A 206 -1.87 8.58 -12.43
N THR A 207 -2.64 7.65 -12.99
CA THR A 207 -4.04 7.41 -12.58
C THR A 207 -4.18 6.83 -11.17
N ASN A 208 -3.08 6.32 -10.61
CA ASN A 208 -3.09 5.77 -9.26
C ASN A 208 -3.01 6.85 -8.17
N ILE A 209 -3.96 7.79 -8.22
CA ILE A 209 -4.03 8.89 -7.25
C ILE A 209 -4.60 8.45 -5.90
N LYS A 210 -4.23 9.17 -4.85
CA LYS A 210 -4.81 9.00 -3.53
C LYS A 210 -6.02 9.93 -3.44
N VAL A 211 -7.15 9.38 -2.99
CA VAL A 211 -8.39 10.16 -2.91
C VAL A 211 -8.68 10.65 -1.48
N THR A 212 -8.48 11.95 -1.26
CA THR A 212 -8.70 12.57 0.05
C THR A 212 -9.61 13.79 -0.03
N THR A 213 -9.37 14.67 -1.00
CA THR A 213 -10.18 15.86 -1.20
C THR A 213 -11.35 15.57 -2.13
N PRO A 214 -12.43 16.38 -2.05
CA PRO A 214 -13.54 16.26 -2.99
C PRO A 214 -13.14 16.47 -4.45
N ASP A 215 -12.05 17.22 -4.67
CA ASP A 215 -11.49 17.41 -6.01
C ASP A 215 -10.97 16.10 -6.62
N ASP A 216 -10.46 15.22 -5.77
CA ASP A 216 -9.94 13.91 -6.20
C ASP A 216 -11.05 12.97 -6.64
N LEU A 217 -12.18 13.00 -5.93
CA LEU A 217 -13.35 12.20 -6.27
C LEU A 217 -13.86 12.51 -7.68
N LEU A 218 -13.83 13.78 -8.06
CA LEU A 218 -14.23 14.21 -9.39
C LEU A 218 -13.25 13.70 -10.44
N LEU A 219 -11.97 13.71 -10.10
CA LEU A 219 -10.92 13.17 -10.97
C LEU A 219 -11.02 11.65 -11.08
N ALA A 220 -11.27 10.99 -9.94
CA ALA A 220 -11.41 9.54 -9.89
C ALA A 220 -12.62 9.04 -10.69
N GLU A 221 -13.72 9.79 -10.64
CA GLU A 221 -14.90 9.49 -11.45
C GLU A 221 -14.56 9.64 -12.93
N ARG A 222 -13.82 10.69 -13.27
CA ARG A 222 -13.41 10.97 -14.65
C ARG A 222 -12.47 9.88 -15.21
N ILE A 223 -11.64 9.31 -14.33
CA ILE A 223 -10.72 8.22 -14.70
C ILE A 223 -11.46 6.90 -14.93
N LEU A 224 -12.37 6.56 -14.02
CA LEU A 224 -13.21 5.35 -14.16
C LEU A 224 -14.15 5.39 -15.36
N SER A 225 -14.40 6.60 -15.86
CA SER A 225 -15.28 6.80 -17.01
C SER A 225 -14.52 6.84 -18.34
N GLU A 226 -13.19 6.78 -18.26
CA GLU A 226 -12.29 6.88 -19.41
C GLU A 226 -12.47 8.19 -20.19
CH H70 B . 8.59 1.99 0.69
CG H70 B . 7.74 0.88 2.68
CD1 H70 B . 7.11 0.84 4.05
CD2 H70 B . 7.91 -0.35 2.02
CE2 H70 B . 8.44 -0.40 0.73
CR H70 B . 8.08 2.06 2.00
O H70 B . 7.92 3.32 2.58
C3 H70 B . 8.79 0.75 0.06
C7 H70 B . 5.72 1.41 5.61
C8 H70 B . 6.36 0.34 6.08
C9 H70 B . 7.29 -0.05 5.03
N11 H70 B . 6.14 1.71 4.37
BR1 H70 B . 8.50 -1.49 5.10
BR2 H70 B . 6.12 -0.49 7.76
CL1 H70 B . 8.65 -1.93 -0.06
BR3 H70 B . 4.39 2.35 6.54
CL2 H70 B . 9.01 3.43 -0.19
S1 DTT C . 16.05 -8.76 -10.74
C1 DTT C . 16.09 -6.97 -10.39
C2 DTT C . 16.25 -6.12 -11.63
O2 DTT C . 17.12 -5.00 -11.36
C3 DTT C . 14.92 -5.60 -12.18
O3 DTT C . 14.50 -6.44 -13.27
C4 DTT C . 13.83 -5.53 -11.11
S4 DTT C . 12.56 -6.81 -11.22
CD CD D . 5.77 3.56 3.13
CD CD E . -3.80 -12.93 15.32
CD CD F . 2.55 6.76 3.37
CD CD G . -15.80 -14.20 7.88
CD CD H . 19.29 -8.29 2.18
K K I . -4.89 15.20 -3.67
K K J . 14.47 -10.38 -12.40
K K K . -5.78 5.20 -7.22
K K L . -9.35 1.00 -2.63
K K M . -7.12 -14.71 -5.68
K K N . -1.78 1.88 -11.49
K K O . -5.47 -20.66 4.32
#